data_6HSY
#
_entry.id   6HSY
#
_cell.length_a   124.639
_cell.length_b   124.639
_cell.length_c   38.060
_cell.angle_alpha   90.000
_cell.angle_beta   90.000
_cell.angle_gamma   120.000
#
_symmetry.space_group_name_H-M   'P 32 2 1'
#
loop_
_entity.id
_entity.type
_entity.pdbx_description
1 polymer 'Toluene tolerance protein Ttg2D'
2 non-polymer 'Phospholipid PG(16:0/cy17:0)'
3 non-polymer 'Phospholipid PG(16:0/cy17:0)'
4 non-polymer GLYCEROL
5 non-polymer 'SULFATE ION'
6 water water
#
_entity_poly.entity_id   1
_entity_poly.type   'polypeptide(L)'
_entity_poly.pdbx_seq_one_letter_code
;MAPTPQQVVQGTVDELLSDIKANKAAYKADPQKLYATLDRILGPVVDAEGIAKSVMTVKYSRQASPEQIKRFEEVFKNSL
MQFYGNALLEYDNQDIRVLPSSAKPSDDRASVNMEIRDSKGTVYPVSYTMTNLAGGWKVRNVIINGINIGKLFRDQFADT
MQKNRNDLEKTIAGWGEVVAKAKETAKAEEAGAKKLAAALEHHHHHH
;
_entity_poly.pdbx_strand_id   A
#
loop_
_chem_comp.id
_chem_comp.type
_chem_comp.name
_chem_comp.formula
GOL non-polymer GLYCEROL 'C3 H8 O3'
GOT non-polymer 'Phospholipid PG(16:0/cy17:0)' 'C39 H75 O10 P'
H3T non-polymer 'Phospholipid PG(16:0/cy17:0)' 'C39 H75 O10 P'
SO4 non-polymer 'SULFATE ION' 'O4 S -2'
#
# COMPACT_ATOMS: atom_id res chain seq x y z
N ALA A 2 -17.99 -2.55 17.18
CA ALA A 2 -16.84 -2.67 16.30
C ALA A 2 -16.92 -1.64 15.18
N PRO A 3 -15.78 -1.29 14.59
CA PRO A 3 -15.78 -0.30 13.50
C PRO A 3 -16.01 -0.94 12.13
N THR A 4 -16.50 -0.10 11.23
CA THR A 4 -16.70 -0.48 9.83
C THR A 4 -15.46 -0.13 9.02
N PRO A 5 -15.27 -0.78 7.87
CA PRO A 5 -14.09 -0.44 7.05
C PRO A 5 -14.01 1.02 6.68
N GLN A 6 -15.16 1.70 6.53
N GLN A 6 -15.16 1.71 6.55
CA GLN A 6 -15.15 3.14 6.27
CA GLN A 6 -15.11 3.13 6.25
C GLN A 6 -14.46 3.88 7.41
C GLN A 6 -14.50 3.92 7.40
N GLN A 7 -14.87 3.59 8.64
CA GLN A 7 -14.29 4.27 9.79
C GLN A 7 -12.81 3.94 9.94
N VAL A 8 -12.44 2.68 9.74
CA VAL A 8 -11.04 2.28 9.83
C VAL A 8 -10.20 3.08 8.83
N VAL A 9 -10.77 3.36 7.65
CA VAL A 9 -10.07 4.17 6.66
C VAL A 9 -10.01 5.62 7.13
N GLN A 10 -11.18 6.21 7.39
CA GLN A 10 -11.24 7.61 7.81
C GLN A 10 -10.33 7.84 9.01
N GLY A 11 -10.42 6.97 10.01
CA GLY A 11 -9.59 7.12 11.20
C GLY A 11 -8.11 7.07 10.87
N THR A 12 -7.71 6.17 9.97
CA THR A 12 -6.30 6.05 9.61
C THR A 12 -5.84 7.26 8.82
N VAL A 13 -6.67 7.76 7.91
CA VAL A 13 -6.31 8.95 7.14
C VAL A 13 -6.15 10.14 8.07
N ASP A 14 -7.12 10.35 8.98
CA ASP A 14 -7.04 11.46 9.92
C ASP A 14 -5.82 11.32 10.83
N GLU A 15 -5.62 10.14 11.40
CA GLU A 15 -4.52 9.93 12.32
C GLU A 15 -3.17 10.19 11.64
N LEU A 16 -2.99 9.65 10.44
CA LEU A 16 -1.70 9.76 9.76
C LEU A 16 -1.43 11.18 9.29
N LEU A 17 -2.45 11.86 8.77
CA LEU A 17 -2.25 13.22 8.26
C LEU A 17 -1.99 14.20 9.39
N SER A 18 -2.80 14.15 10.45
CA SER A 18 -2.57 15.03 11.58
C SER A 18 -1.24 14.75 12.26
N ASP A 19 -0.81 13.49 12.26
CA ASP A 19 0.48 13.15 12.86
C ASP A 19 1.63 13.69 12.01
N ILE A 20 1.48 13.68 10.68
CA ILE A 20 2.53 14.19 9.82
C ILE A 20 2.56 15.72 9.88
N LYS A 21 1.39 16.35 9.96
CA LYS A 21 1.34 17.81 10.01
C LYS A 21 2.02 18.33 11.28
N ALA A 22 1.75 17.69 12.41
CA ALA A 22 2.33 18.16 13.67
C ALA A 22 3.84 17.95 13.72
N ASN A 23 4.32 16.87 13.12
CA ASN A 23 5.74 16.52 13.14
C ASN A 23 6.40 16.65 11.77
N LYS A 24 5.82 17.47 10.88
CA LYS A 24 6.35 17.58 9.52
C LYS A 24 7.81 18.02 9.52
N ALA A 25 8.22 18.83 10.50
CA ALA A 25 9.60 19.29 10.55
C ALA A 25 10.54 18.16 10.95
N ALA A 26 10.17 17.40 11.99
CA ALA A 26 11.01 16.30 12.46
C ALA A 26 11.16 15.21 11.40
N TYR A 27 10.12 14.98 10.60
CA TYR A 27 10.19 13.94 9.59
C TYR A 27 11.05 14.37 8.41
N LYS A 28 10.91 15.62 7.96
CA LYS A 28 11.78 16.12 6.89
C LYS A 28 13.25 16.03 7.28
N ALA A 29 13.55 16.09 8.58
CA ALA A 29 14.94 16.03 9.03
C ALA A 29 15.41 14.59 9.14
N ASP A 30 14.56 13.69 9.61
CA ASP A 30 14.91 12.28 9.80
C ASP A 30 13.82 11.42 9.18
N PRO A 31 14.04 10.87 7.97
CA PRO A 31 13.02 10.00 7.39
C PRO A 31 12.81 8.72 8.16
N GLN A 32 13.83 8.25 8.90
CA GLN A 32 13.67 7.05 9.71
C GLN A 32 12.58 7.24 10.75
N LYS A 33 12.35 8.48 11.19
CA LYS A 33 11.23 8.75 12.09
C LYS A 33 9.91 8.62 11.36
N LEU A 34 9.83 9.16 10.13
CA LEU A 34 8.62 8.99 9.33
C LEU A 34 8.32 7.52 9.10
N TYR A 35 9.35 6.73 8.77
CA TYR A 35 9.14 5.30 8.52
C TYR A 35 8.60 4.62 9.77
N ALA A 36 9.10 4.98 10.95
CA ALA A 36 8.62 4.38 12.18
C ALA A 36 7.15 4.70 12.41
N THR A 37 6.77 5.98 12.24
CA THR A 37 5.38 6.36 12.43
C THR A 37 4.48 5.64 11.44
N LEU A 38 4.94 5.48 10.20
CA LEU A 38 4.17 4.73 9.20
C LEU A 38 3.92 3.31 9.65
N ASP A 39 4.98 2.62 10.11
CA ASP A 39 4.82 1.26 10.58
CA ASP A 39 4.82 1.26 10.58
C ASP A 39 3.88 1.19 11.78
N ARG A 40 3.93 2.22 12.64
CA ARG A 40 3.08 2.22 13.83
C ARG A 40 1.62 2.46 13.48
N ILE A 41 1.36 3.37 12.54
CA ILE A 41 -0.02 3.71 12.18
C ILE A 41 -0.58 2.70 11.19
N LEU A 42 0.13 2.47 10.08
CA LEU A 42 -0.40 1.62 9.02
C LEU A 42 -0.24 0.14 9.32
N GLY A 43 0.79 -0.25 10.07
CA GLY A 43 1.07 -1.63 10.36
C GLY A 43 -0.16 -2.42 10.77
N PRO A 44 -0.86 -1.95 11.81
CA PRO A 44 -2.03 -2.70 12.29
C PRO A 44 -3.14 -2.83 11.28
N VAL A 45 -3.21 -1.97 10.27
CA VAL A 45 -4.32 -1.96 9.33
C VAL A 45 -3.88 -2.39 7.93
N VAL A 46 -2.75 -3.09 7.83
CA VAL A 46 -2.23 -3.57 6.55
C VAL A 46 -2.05 -5.07 6.64
N ASP A 47 -2.57 -5.79 5.66
CA ASP A 47 -2.39 -7.24 5.57
C ASP A 47 -1.16 -7.55 4.71
N ALA A 48 0.00 -7.30 5.31
CA ALA A 48 1.26 -7.44 4.59
C ALA A 48 1.42 -8.85 4.04
N GLU A 49 1.17 -9.86 4.87
CA GLU A 49 1.31 -11.25 4.40
C GLU A 49 0.27 -11.58 3.34
N GLY A 50 -0.96 -11.07 3.49
CA GLY A 50 -1.96 -11.30 2.47
C GLY A 50 -1.63 -10.61 1.16
N ILE A 51 -1.07 -9.40 1.25
CA ILE A 51 -0.64 -8.70 0.05
C ILE A 51 0.52 -9.44 -0.61
N ALA A 52 1.51 -9.85 0.19
CA ALA A 52 2.65 -10.59 -0.35
C ALA A 52 2.18 -11.83 -1.10
N LYS A 53 1.31 -12.64 -0.48
CA LYS A 53 0.79 -13.81 -1.15
C LYS A 53 -0.04 -13.44 -2.37
N SER A 54 -0.80 -12.35 -2.27
CA SER A 54 -1.59 -11.89 -3.41
C SER A 54 -0.69 -11.57 -4.61
N VAL A 55 0.45 -10.96 -4.36
CA VAL A 55 1.36 -10.60 -5.44
C VAL A 55 2.09 -11.83 -5.96
N MET A 56 2.44 -12.75 -5.07
CA MET A 56 3.15 -13.96 -5.48
C MET A 56 2.23 -14.96 -6.17
N THR A 57 0.95 -15.01 -5.76
CA THR A 57 0.02 -16.05 -6.20
C THR A 57 0.33 -17.36 -5.50
N VAL A 58 -0.68 -18.22 -5.36
CA VAL A 58 -0.48 -19.50 -4.70
C VAL A 58 0.53 -20.35 -5.45
N LYS A 59 0.59 -20.21 -6.79
CA LYS A 59 1.53 -20.99 -7.58
C LYS A 59 2.95 -20.84 -7.05
N TYR A 60 3.33 -19.63 -6.65
CA TYR A 60 4.68 -19.35 -6.19
C TYR A 60 4.80 -19.31 -4.67
N SER A 61 3.77 -18.87 -3.95
CA SER A 61 3.86 -18.79 -2.51
C SER A 61 4.02 -20.17 -1.88
N ARG A 62 3.41 -21.20 -2.48
CA ARG A 62 3.54 -22.55 -1.95
C ARG A 62 4.89 -23.17 -2.25
N GLN A 63 5.71 -22.53 -3.07
CA GLN A 63 7.10 -22.93 -3.25
C GLN A 63 8.04 -22.18 -2.32
N ALA A 64 7.50 -21.31 -1.45
CA ALA A 64 8.31 -20.47 -0.58
C ALA A 64 8.04 -20.83 0.88
N SER A 65 9.06 -20.67 1.69
CA SER A 65 8.93 -20.86 3.13
C SER A 65 8.30 -19.62 3.76
N PRO A 66 7.71 -19.77 4.96
CA PRO A 66 7.22 -18.57 5.67
C PRO A 66 8.31 -17.55 5.90
N GLU A 67 9.53 -18.00 6.18
CA GLU A 67 10.66 -17.08 6.32
C GLU A 67 10.93 -16.34 5.02
N GLN A 68 10.72 -17.01 3.88
CA GLN A 68 10.95 -16.38 2.58
C GLN A 68 9.88 -15.35 2.27
N ILE A 69 8.61 -15.71 2.50
CA ILE A 69 7.53 -14.75 2.29
C ILE A 69 7.74 -13.52 3.16
N LYS A 70 8.24 -13.71 4.38
CA LYS A 70 8.54 -12.58 5.25
C LYS A 70 9.59 -11.67 4.62
N ARG A 71 10.69 -12.24 4.14
CA ARG A 71 11.72 -11.43 3.50
C ARG A 71 11.18 -10.69 2.28
N PHE A 72 10.19 -11.28 1.60
CA PHE A 72 9.58 -10.59 0.47
C PHE A 72 8.71 -9.41 0.96
N GLU A 73 8.02 -9.60 2.09
CA GLU A 73 7.29 -8.48 2.69
C GLU A 73 8.23 -7.31 2.96
N GLU A 74 9.39 -7.59 3.54
CA GLU A 74 10.29 -6.53 3.98
C GLU A 74 10.83 -5.74 2.79
N VAL A 75 11.36 -6.45 1.78
CA VAL A 75 11.81 -5.75 0.57
C VAL A 75 10.68 -4.90 0.01
N PHE A 76 9.46 -5.40 0.09
CA PHE A 76 8.31 -4.65 -0.40
C PHE A 76 8.05 -3.42 0.47
N LYS A 77 7.97 -3.62 1.80
CA LYS A 77 7.73 -2.50 2.70
C LYS A 77 8.85 -1.46 2.60
N ASN A 78 10.10 -1.89 2.83
CA ASN A 78 11.22 -0.96 2.89
C ASN A 78 11.37 -0.18 1.59
N SER A 79 11.19 -0.86 0.45
CA SER A 79 11.34 -0.18 -0.84
C SER A 79 10.19 0.80 -1.07
N LEU A 80 8.99 0.45 -0.63
CA LEU A 80 7.87 1.38 -0.75
C LEU A 80 8.12 2.65 0.06
N MET A 81 8.67 2.51 1.27
CA MET A 81 8.95 3.69 2.08
C MET A 81 10.15 4.46 1.53
N GLN A 82 11.16 3.76 1.02
CA GLN A 82 12.36 4.42 0.53
CA GLN A 82 12.36 4.42 0.54
C GLN A 82 12.06 5.31 -0.68
N PHE A 83 11.25 4.82 -1.61
CA PHE A 83 10.99 5.53 -2.85
C PHE A 83 9.68 6.31 -2.86
N TYR A 84 8.79 6.08 -1.91
CA TYR A 84 7.51 6.76 -1.90
C TYR A 84 7.12 7.30 -0.53
N GLY A 85 8.03 7.29 0.44
CA GLY A 85 7.70 7.82 1.76
C GLY A 85 7.65 9.34 1.78
N ASN A 86 8.63 9.97 1.14
CA ASN A 86 8.68 11.44 1.11
C ASN A 86 7.43 12.04 0.49
N ALA A 87 6.70 11.30 -0.34
CA ALA A 87 5.50 11.84 -0.97
C ALA A 87 4.48 12.29 0.06
N LEU A 88 4.45 11.64 1.23
CA LEU A 88 3.47 12.00 2.25
C LEU A 88 3.80 13.32 2.93
N LEU A 89 5.04 13.80 2.82
CA LEU A 89 5.41 15.09 3.39
C LEU A 89 5.19 16.25 2.43
N GLU A 90 5.57 16.07 1.15
CA GLU A 90 5.56 17.20 0.22
C GLU A 90 4.16 17.73 -0.01
N TYR A 91 3.14 16.85 0.00
CA TYR A 91 1.77 17.24 -0.29
C TYR A 91 0.82 16.61 0.74
N ASP A 92 1.09 16.94 2.01
N ASP A 92 1.04 16.94 2.02
CA ASP A 92 0.20 16.71 3.13
CA ASP A 92 0.05 16.63 3.05
C ASP A 92 -0.90 17.76 3.25
C ASP A 92 -0.92 17.78 3.27
N ASN A 93 -0.77 18.89 2.53
CA ASN A 93 -1.72 19.99 2.58
C ASN A 93 -2.99 19.71 1.81
N GLN A 94 -3.07 18.58 1.11
CA GLN A 94 -4.17 18.30 0.21
C GLN A 94 -5.37 17.75 0.97
N ASP A 95 -6.49 17.65 0.26
CA ASP A 95 -7.75 17.19 0.84
C ASP A 95 -8.05 15.77 0.38
N ILE A 96 -8.74 15.03 1.25
CA ILE A 96 -9.16 13.66 0.97
C ILE A 96 -10.59 13.50 1.41
N ARG A 97 -11.36 12.73 0.65
CA ARG A 97 -12.79 12.54 0.92
C ARG A 97 -13.11 11.05 0.82
N VAL A 98 -13.50 10.45 1.94
CA VAL A 98 -13.91 9.06 1.97
C VAL A 98 -15.37 9.00 1.51
N LEU A 99 -15.60 8.37 0.35
CA LEU A 99 -16.92 8.33 -0.24
C LEU A 99 -17.82 7.34 0.50
N PRO A 100 -19.13 7.46 0.33
CA PRO A 100 -20.06 6.65 1.14
C PRO A 100 -19.84 5.15 0.95
N SER A 101 -20.31 4.40 1.94
CA SER A 101 -20.22 2.94 1.91
C SER A 101 -21.23 2.38 2.89
N SER A 102 -21.80 1.23 2.53
CA SER A 102 -22.81 0.56 3.35
C SER A 102 -22.25 -0.67 4.07
N ALA A 103 -20.94 -0.86 4.05
CA ALA A 103 -20.35 -2.04 4.67
C ALA A 103 -20.57 -2.01 6.18
N LYS A 104 -20.92 -3.17 6.72
CA LYS A 104 -21.12 -3.34 8.15
C LYS A 104 -19.87 -3.88 8.81
N PRO A 105 -19.76 -3.77 10.14
CA PRO A 105 -18.56 -4.32 10.80
C PRO A 105 -18.44 -5.83 10.66
N SER A 106 -19.57 -6.54 10.63
CA SER A 106 -19.56 -7.99 10.52
C SER A 106 -19.25 -8.49 9.12
N ASP A 107 -19.19 -7.60 8.13
CA ASP A 107 -18.87 -8.01 6.77
C ASP A 107 -17.50 -8.68 6.72
N ASP A 108 -17.33 -9.52 5.69
CA ASP A 108 -16.07 -10.24 5.50
C ASP A 108 -15.15 -9.56 4.51
N ARG A 109 -15.65 -8.61 3.72
CA ARG A 109 -14.86 -7.96 2.69
C ARG A 109 -15.59 -6.71 2.25
N ALA A 110 -14.82 -5.69 1.83
CA ALA A 110 -15.42 -4.43 1.43
C ALA A 110 -14.38 -3.61 0.68
N SER A 111 -14.87 -2.67 -0.13
CA SER A 111 -14.04 -1.73 -0.86
C SER A 111 -14.44 -0.32 -0.48
N VAL A 112 -13.48 0.48 -0.03
CA VAL A 112 -13.71 1.85 0.40
C VAL A 112 -13.03 2.78 -0.59
N ASN A 113 -13.81 3.65 -1.21
CA ASN A 113 -13.30 4.56 -2.23
C ASN A 113 -13.16 5.95 -1.65
N MET A 114 -12.23 6.72 -2.22
CA MET A 114 -12.00 8.09 -1.79
C MET A 114 -11.46 8.90 -2.95
N GLU A 115 -11.40 10.21 -2.76
CA GLU A 115 -10.89 11.14 -3.76
C GLU A 115 -9.82 12.01 -3.13
N ILE A 116 -8.79 12.32 -3.91
CA ILE A 116 -7.68 13.17 -3.46
C ILE A 116 -7.66 14.40 -4.34
N ARG A 117 -8.04 15.54 -3.78
CA ARG A 117 -7.99 16.83 -4.48
C ARG A 117 -6.59 17.40 -4.30
N ASP A 118 -5.84 17.51 -5.39
CA ASP A 118 -4.45 17.93 -5.34
C ASP A 118 -4.17 18.92 -6.46
N SER A 119 -3.31 19.90 -6.16
CA SER A 119 -2.88 20.89 -7.15
C SER A 119 -4.07 21.58 -7.81
N LYS A 120 -4.62 22.59 -7.13
CA LYS A 120 -5.72 23.40 -7.64
C LYS A 120 -7.00 22.61 -7.90
N GLY A 121 -7.05 21.36 -7.44
CA GLY A 121 -8.28 20.58 -7.53
C GLY A 121 -8.25 19.45 -8.54
N THR A 122 -7.08 18.88 -8.79
CA THR A 122 -6.98 17.71 -9.67
C THR A 122 -7.34 16.47 -8.86
N VAL A 123 -8.42 15.80 -9.25
CA VAL A 123 -9.00 14.72 -8.46
C VAL A 123 -8.66 13.39 -9.12
N TYR A 124 -8.05 12.49 -8.34
N TYR A 124 -8.09 12.48 -8.34
CA TYR A 124 -7.81 11.13 -8.74
CA TYR A 124 -7.84 11.12 -8.80
C TYR A 124 -8.47 10.20 -7.74
C TYR A 124 -8.37 10.13 -7.77
N PRO A 125 -9.21 9.17 -8.18
CA PRO A 125 -9.79 8.25 -7.20
C PRO A 125 -8.78 7.26 -6.67
N VAL A 126 -8.90 6.96 -5.37
CA VAL A 126 -8.08 5.95 -4.71
C VAL A 126 -9.01 5.04 -3.93
N SER A 127 -8.86 3.73 -4.12
CA SER A 127 -9.73 2.75 -3.50
C SER A 127 -8.91 1.76 -2.69
N TYR A 128 -9.49 1.29 -1.58
CA TYR A 128 -8.85 0.35 -0.68
C TYR A 128 -9.72 -0.89 -0.56
N THR A 129 -9.16 -2.04 -0.90
CA THR A 129 -9.86 -3.32 -0.75
C THR A 129 -9.60 -3.84 0.65
N MET A 130 -10.65 -3.87 1.48
CA MET A 130 -10.52 -4.26 2.87
C MET A 130 -10.98 -5.70 3.07
N THR A 131 -10.35 -6.36 4.05
CA THR A 131 -10.68 -7.73 4.43
C THR A 131 -10.71 -7.81 5.94
N ASN A 132 -11.78 -8.37 6.48
CA ASN A 132 -11.97 -8.47 7.92
C ASN A 132 -11.22 -9.70 8.43
N LEU A 133 -10.16 -9.48 9.19
CA LEU A 133 -9.36 -10.56 9.76
C LEU A 133 -9.55 -10.58 11.27
N ALA A 134 -8.84 -11.51 11.93
CA ALA A 134 -8.91 -11.60 13.38
C ALA A 134 -8.54 -10.28 14.03
N GLY A 135 -7.53 -9.60 13.50
CA GLY A 135 -7.12 -8.30 14.00
C GLY A 135 -7.91 -7.14 13.49
N GLY A 136 -9.07 -7.38 12.87
CA GLY A 136 -9.90 -6.33 12.34
C GLY A 136 -9.79 -6.19 10.84
N TRP A 137 -10.25 -5.04 10.35
CA TRP A 137 -10.18 -4.74 8.93
C TRP A 137 -8.77 -4.28 8.55
N LYS A 138 -8.27 -4.78 7.42
CA LYS A 138 -6.95 -4.43 6.95
C LYS A 138 -6.98 -4.21 5.44
N VAL A 139 -6.04 -3.42 4.96
CA VAL A 139 -5.89 -3.21 3.52
C VAL A 139 -5.32 -4.47 2.89
N ARG A 140 -5.94 -4.90 1.79
CA ARG A 140 -5.45 -6.03 1.01
C ARG A 140 -5.05 -5.65 -0.41
N ASN A 141 -5.51 -4.52 -0.93
CA ASN A 141 -5.17 -4.08 -2.27
C ASN A 141 -5.52 -2.60 -2.39
N VAL A 142 -4.82 -1.92 -3.30
CA VAL A 142 -4.99 -0.50 -3.52
C VAL A 142 -5.14 -0.25 -5.01
N ILE A 143 -6.19 0.48 -5.39
CA ILE A 143 -6.44 0.87 -6.76
C ILE A 143 -6.36 2.38 -6.84
N ILE A 144 -5.54 2.88 -7.77
CA ILE A 144 -5.27 4.31 -7.90
C ILE A 144 -5.61 4.74 -9.32
N ASN A 145 -6.61 5.60 -9.44
CA ASN A 145 -6.99 6.17 -10.74
C ASN A 145 -7.19 5.07 -11.79
N GLY A 146 -7.82 3.97 -11.38
CA GLY A 146 -8.10 2.87 -12.27
C GLY A 146 -7.03 1.82 -12.35
N ILE A 147 -5.83 2.08 -11.83
CA ILE A 147 -4.72 1.15 -11.92
C ILE A 147 -4.73 0.26 -10.68
N ASN A 148 -5.05 -1.02 -10.87
CA ASN A 148 -5.00 -2.00 -9.79
C ASN A 148 -3.54 -2.24 -9.44
N ILE A 149 -3.08 -1.62 -8.35
CA ILE A 149 -1.67 -1.71 -7.99
C ILE A 149 -1.31 -3.15 -7.61
N GLY A 150 -2.23 -3.86 -6.96
CA GLY A 150 -1.98 -5.25 -6.63
C GLY A 150 -1.72 -6.10 -7.85
N LYS A 151 -2.58 -5.97 -8.87
CA LYS A 151 -2.37 -6.73 -10.10
CA LYS A 151 -2.37 -6.73 -10.10
C LYS A 151 -1.11 -6.27 -10.84
N LEU A 152 -0.78 -4.98 -10.73
CA LEU A 152 0.45 -4.49 -11.37
C LEU A 152 1.67 -5.23 -10.81
N PHE A 153 1.81 -5.26 -9.49
CA PHE A 153 2.91 -6.00 -8.90
C PHE A 153 2.75 -7.50 -9.11
N ARG A 154 1.52 -8.00 -9.20
CA ARG A 154 1.31 -9.41 -9.50
C ARG A 154 1.89 -9.78 -10.86
N ASP A 155 1.71 -8.89 -11.85
CA ASP A 155 2.25 -9.16 -13.18
C ASP A 155 3.77 -8.98 -13.21
N GLN A 156 4.27 -7.92 -12.59
CA GLN A 156 5.72 -7.70 -12.54
C GLN A 156 6.41 -8.87 -11.83
N PHE A 157 5.80 -9.40 -10.78
CA PHE A 157 6.40 -10.52 -10.06
C PHE A 157 6.45 -11.77 -10.96
N ALA A 158 5.40 -12.01 -11.72
CA ALA A 158 5.39 -13.17 -12.62
C ALA A 158 6.40 -13.01 -13.74
N ASP A 159 6.48 -11.82 -14.34
CA ASP A 159 7.44 -11.59 -15.40
C ASP A 159 8.87 -11.77 -14.90
N THR A 160 9.18 -11.22 -13.73
CA THR A 160 10.53 -11.36 -13.19
C THR A 160 10.83 -12.79 -12.78
N MET A 161 9.83 -13.52 -12.29
CA MET A 161 10.05 -14.92 -11.95
C MET A 161 10.34 -15.76 -13.19
N GLN A 162 9.64 -15.49 -14.30
CA GLN A 162 9.91 -16.21 -15.53
C GLN A 162 11.31 -15.92 -16.04
N LYS A 163 11.77 -14.67 -15.91
CA LYS A 163 13.10 -14.32 -16.36
C LYS A 163 14.17 -14.95 -15.47
N ASN A 164 13.91 -15.05 -14.18
CA ASN A 164 14.85 -15.66 -13.24
C ASN A 164 14.68 -17.17 -13.14
N ARG A 165 13.94 -17.79 -14.06
CA ARG A 165 13.68 -19.22 -14.04
C ARG A 165 13.11 -19.65 -12.69
N ASN A 166 12.14 -18.87 -12.21
CA ASN A 166 11.43 -19.16 -10.96
C ASN A 166 12.38 -19.18 -9.76
N ASP A 167 13.45 -18.40 -9.82
CA ASP A 167 14.35 -18.25 -8.69
C ASP A 167 13.77 -17.18 -7.76
N LEU A 168 13.23 -17.62 -6.61
CA LEU A 168 12.64 -16.67 -5.67
C LEU A 168 13.70 -15.73 -5.10
N GLU A 169 14.86 -16.26 -4.73
CA GLU A 169 15.91 -15.42 -4.17
C GLU A 169 16.29 -14.31 -5.13
N LYS A 170 16.52 -14.65 -6.40
CA LYS A 170 16.84 -13.63 -7.40
C LYS A 170 15.70 -12.61 -7.53
N THR A 171 14.46 -13.08 -7.47
CA THR A 171 13.31 -12.19 -7.60
C THR A 171 13.21 -11.27 -6.39
N ILE A 172 13.45 -11.79 -5.19
CA ILE A 172 13.37 -10.97 -3.98
C ILE A 172 14.50 -9.94 -3.96
N ALA A 173 15.70 -10.36 -4.35
CA ALA A 173 16.84 -9.44 -4.34
C ALA A 173 16.69 -8.33 -5.36
N GLY A 174 15.80 -8.48 -6.34
CA GLY A 174 15.59 -7.45 -7.34
C GLY A 174 14.25 -6.75 -7.22
N TRP A 175 13.44 -7.18 -6.26
CA TRP A 175 12.09 -6.61 -6.13
C TRP A 175 12.14 -5.14 -5.77
N GLY A 176 13.21 -4.69 -5.12
CA GLY A 176 13.36 -3.27 -4.86
C GLY A 176 13.35 -2.44 -6.12
N GLU A 177 13.91 -2.98 -7.21
CA GLU A 177 13.94 -2.24 -8.46
C GLU A 177 12.56 -2.19 -9.12
N VAL A 178 11.74 -3.22 -8.93
CA VAL A 178 10.38 -3.20 -9.44
C VAL A 178 9.58 -2.11 -8.74
N VAL A 179 9.68 -2.05 -7.41
CA VAL A 179 8.96 -1.03 -6.65
C VAL A 179 9.42 0.36 -7.05
N ALA A 180 10.73 0.54 -7.21
CA ALA A 180 11.26 1.85 -7.59
C ALA A 180 10.70 2.33 -8.92
N LYS A 181 10.50 1.40 -9.86
CA LYS A 181 9.96 1.74 -11.18
C LYS A 181 8.44 1.59 -11.26
N ALA A 182 7.78 1.20 -10.17
CA ALA A 182 6.35 0.96 -10.22
C ALA A 182 5.57 2.19 -10.66
N LYS A 183 6.07 3.38 -10.33
CA LYS A 183 5.36 4.61 -10.67
C LYS A 183 5.34 4.84 -12.17
N GLU A 184 6.51 4.84 -12.82
CA GLU A 184 6.55 4.97 -14.27
C GLU A 184 5.88 3.78 -14.94
N THR A 185 6.00 2.59 -14.36
CA THR A 185 5.27 1.44 -14.89
C THR A 185 3.78 1.72 -14.93
N ALA A 186 3.26 2.45 -13.94
CA ALA A 186 1.85 2.81 -13.92
C ALA A 186 1.53 3.91 -14.92
N LYS A 187 2.42 4.91 -15.03
CA LYS A 187 2.20 5.99 -15.98
C LYS A 187 2.15 5.47 -17.41
N ALA A 188 3.13 4.65 -17.80
CA ALA A 188 3.13 4.07 -19.14
C ALA A 188 1.85 3.27 -19.37
N GLU A 189 1.44 2.47 -18.39
CA GLU A 189 0.20 1.71 -18.50
C GLU A 189 -1.03 2.61 -18.47
N GLU A 190 -0.88 3.88 -18.12
CA GLU A 190 -2.01 4.80 -18.07
C GLU A 190 -2.19 5.57 -19.37
N ALA A 191 -1.12 5.79 -20.11
CA ALA A 191 -1.18 6.53 -21.36
C ALA A 191 -1.62 5.62 -22.51
C10 GOT B . -2.11 5.64 -1.43
C11 GOT B . -1.22 4.86 -0.41
C12 GOT B . -1.92 3.71 0.37
C01 GOT B . -0.76 9.73 -10.33
C02 GOT B . -1.57 9.79 -8.95
C04 GOT B . -1.28 9.70 -6.54
C06 GOT B . -1.01 8.46 -5.60
C07 GOT B . -1.54 8.64 -4.12
C08 GOT B . -2.14 7.35 -3.45
C09 GOT B . -1.39 6.80 -2.19
C13 GOT B . -1.03 2.93 1.39
C14 GOT B . -1.52 1.51 1.82
C15 GOT B . -0.45 0.67 2.58
C16 GOT B . -0.08 -0.70 1.94
C17 GOT B . 1.30 -1.29 2.36
C18 GOT B . 1.76 -2.56 1.60
C19 GOT B . 2.90 -3.36 2.26
C20 GOT B . 3.29 -4.64 1.53
C21 GOT B . -1.64 9.03 -11.46
C27 GOT B . -2.55 13.29 -14.32
C28 GOT B . -3.34 13.70 -15.60
C30 GOT B . -2.62 14.76 -16.50
C33 GOT B . 0.43 7.57 -10.24
C35 GOT B . 0.20 6.78 -8.91
C36 GOT B . 0.77 5.30 -8.96
C37 GOT B . 2.21 5.11 -8.41
C38 GOT B . 2.61 3.63 -8.07
C39 GOT B . 3.28 3.40 -6.70
C40 GOT B . 2.50 2.50 -5.70
C41 GOT B . 2.83 2.73 -4.21
C42 GOT B . 1.70 3.03 -3.23
C43 GOT B . 1.85 2.65 -1.80
C44 GOT B . 0.84 1.92 -2.60
C45 GOT B . 1.03 0.44 -2.93
C46 GOT B . 0.82 -0.58 -1.79
C47 GOT B . 1.00 -2.06 -2.20
C48 GOT B . -0.03 -2.58 -3.21
C49 GOT B . -0.05 -4.11 -3.38
C50 GOT B . -1.46 -4.73 -3.32
O03 GOT B . -0.68 9.68 -7.80
O05 GOT B . -1.97 10.61 -6.22
O22 GOT B . -2.45 9.94 -12.10
O24 GOT B . -1.78 9.94 -14.62
O25 GOT B . -0.59 11.54 -12.92
O26 GOT B . -2.98 12.10 -13.80
O29 GOT B . -3.46 12.56 -16.39
O31 GOT B . -3.26 14.76 -17.74
O32 GOT B . 0.49 8.98 -10.17
O34 GOT B . 0.55 7.04 -11.29
P23 GOT B . -1.81 10.85 -13.45
H102 GOT B . -2.52 4.93 -2.17
H101 GOT B . -2.99 6.05 -0.90
H111 GOT B . -0.79 5.57 0.31
H112 GOT B . -0.35 4.44 -0.95
H121 GOT B . -2.38 3.00 -0.35
H122 GOT B . -2.79 4.14 0.92
H011 GOT B . -0.55 10.76 -10.68
H022 GOT B . -2.28 8.93 -8.91
H021 GOT B . -2.18 10.70 -8.93
H061 GOT B . 0.08 8.29 -5.55
H062 GOT B . -1.44 7.55 -6.02
H072 GOT B . -2.29 9.44 -4.11
H071 GOT B . -0.69 8.99 -3.50
H082 GOT B . -2.19 6.55 -4.21
H081 GOT B . -3.20 7.55 -3.21
H091 GOT B . -1.21 7.64 -1.48
H092 GOT B . -0.39 6.46 -2.50
H132 GOT B . -0.95 3.55 2.31
H131 GOT B . 0.01 2.85 1.04
H141 GOT B . -2.38 1.60 2.49
H142 GOT B . -1.88 0.96 0.94
H152 GOT B . 0.47 1.28 2.71
H151 GOT B . -0.82 0.49 3.61
H162 GOT B . -0.87 -1.43 2.16
H161 GOT B . -0.10 -0.60 0.83
H172 GOT B . 2.09 -0.51 2.26
H171 GOT B . 1.28 -1.52 3.45
H181 GOT B . 0.89 -3.24 1.45
H182 GOT B . 2.07 -2.29 0.58
H192 GOT B . 3.80 -2.73 2.38
H191 GOT B . 2.63 -3.64 3.31
H203 GOT B . 3.60 -4.47 0.48
H202 GOT B . 2.47 -5.37 1.47
H201 GOT B . 4.12 -5.19 2.01
H212 GOT B . -0.97 8.55 -12.22
H211 GOT B . -2.24 8.18 -11.06
H272 GOT B . -2.63 14.08 -13.54
H271 GOT B . -1.46 13.24 -14.55
H281 GOT B . -4.32 14.15 -15.28
H302 GOT B . -2.66 15.78 -16.05
H301 GOT B . -1.54 14.55 -16.59
H352 GOT B . 0.63 7.31 -8.05
H351 GOT B . -0.88 6.72 -8.69
H362 GOT B . 0.09 4.63 -8.43
H361 GOT B . 0.75 4.95 -10.01
H372 GOT B . 2.95 5.50 -9.14
H371 GOT B . 2.36 5.73 -7.51
H382 GOT B . 3.27 3.23 -8.87
H381 GOT B . 1.70 2.99 -8.15
H392 GOT B . 3.51 4.37 -6.23
H391 GOT B . 4.29 2.95 -6.87
H402 GOT B . 2.64 1.43 -5.95
H401 GOT B . 1.40 2.67 -5.83
H412 GOT B . 3.57 3.55 -4.11
H411 GOT B . 3.37 1.84 -3.82
H421 GOT B . 1.21 4.01 -3.42
H431 GOT B . 1.56 3.34 -0.99
H432 GOT B . 2.77 2.14 -1.45
H441 GOT B . -0.23 2.18 -2.37
H451 GOT B . 0.34 0.21 -3.77
H452 GOT B . 2.04 0.33 -3.36
H461 GOT B . 1.48 -0.33 -0.96
H462 GOT B . -0.21 -0.43 -1.40
H471 GOT B . 2.02 -2.20 -2.62
H472 GOT B . 0.98 -2.69 -1.30
H481 GOT B . -1.04 -2.25 -2.92
H482 GOT B . 0.14 -2.13 -4.21
H491 GOT B . 0.41 -4.41 -4.34
H492 GOT B . 0.57 -4.60 -2.61
H503 GOT B . -2.15 -4.33 -4.06
H501 GOT B . -1.94 -4.63 -2.34
H502 GOT B . -1.43 -5.82 -3.50
H291 GOT B . -3.95 11.91 -15.88
H311 GOT B . -3.03 13.94 -18.20
C10 H3T C . 2.74 6.04 0.02
C11 H3T C . 3.75 4.97 0.50
C12 H3T C . 3.39 4.29 1.84
C01 H3T C . 2.37 11.44 -6.49
C02 H3T C . 3.87 11.17 -5.96
C04 H3T C . 3.38 8.78 -5.74
C06 H3T C . 3.60 8.13 -4.33
C07 H3T C . 2.27 7.69 -3.62
C08 H3T C . 2.36 7.56 -2.08
C09 H3T C . 2.54 6.13 -1.51
C13 H3T C . 4.38 3.20 2.32
C14 H3T C . 3.75 1.92 2.90
C15 H3T C . 4.47 1.36 4.14
C16 H3T C . 3.86 0.07 4.72
C17 H3T C . 3.76 0.01 6.26
C18 H3T C . 2.92 -1.17 6.80
C19 H3T C . 3.72 -2.24 7.57
C20 H3T C . 3.04 -3.60 7.66
C21 H3T C . 2.31 11.22 -8.05
C27 H3T C . 4.11 12.86 -10.59
C28 H3T C . 5.10 13.74 -11.40
C30 H3T C . 4.78 13.81 -12.93
C33 H3T C . 1.72 13.11 -4.88
C35 H3T C . 0.34 12.69 -4.25
C36 H3T C . 0.45 12.20 -2.76
C37 H3T C . -0.89 12.06 -1.98
C38 H3T C . -1.01 10.78 -1.10
C39 H3T C . -1.75 10.96 0.26
C40 H3T C . -3.07 10.16 0.43
C41 H3T C . -3.36 9.67 1.87
C42 H3T C . -2.26 8.88 2.56
C43 H3T C . -1.85 7.57 1.97
C44 H3T C . -2.51 7.56 3.31
C45 H3T C . -3.88 6.90 3.46
C46 H3T C . -3.86 5.40 3.71
C47 H3T C . -5.07 4.80 4.43
C48 H3T C . -4.96 3.26 4.60
C49 H3T C . -6.28 2.52 4.83
C50 H3T C . -6.30 1.70 6.13
O03 H3T C . 4.29 9.78 -6.15
O05 H3T C . 2.49 8.45 -6.46
O22 H3T C . 1.26 11.90 -8.63
O24 H3T C . 0.78 14.38 -9.37
O25 H3T C . 1.23 12.52 -11.15
O26 H3T C . 3.23 13.59 -9.83
O29 H3T C . 6.36 13.15 -11.28
O31 H3T C . 5.67 14.70 -13.52
O32 H3T C . 1.96 12.80 -6.22
O34 H3T C . 2.57 13.64 -4.26
P23 H3T C . 1.52 13.18 -9.84
H102 H3T C . 1.76 5.85 0.50
H101 H3T C . 3.06 7.03 0.40
H111 H3T C . 4.76 5.44 0.59
H112 H3T C . 3.87 4.20 -0.29
H121 H3T C . 2.38 3.86 1.76
H122 H3T C . 3.32 5.06 2.63
H011 H3T C . 1.67 10.72 -6.02
H022 H3T C . 4.59 11.82 -6.52
H021 H3T C . 3.94 11.48 -4.90
H061 H3T C . 4.10 8.86 -3.68
H062 H3T C . 4.28 7.27 -4.38
H072 H3T C . 1.95 6.72 -4.04
H071 H3T C . 1.49 8.43 -3.87
H082 H3T C . 1.46 8.02 -1.62
H081 H3T C . 3.19 8.21 -1.71
H091 H3T C . 3.39 5.64 -2.02
H092 H3T C . 1.65 5.53 -1.79
H131 H3T C . 5.09 2.90 1.53
H132 H3T C . 5.02 3.64 3.09
H142 H3T C . 3.68 1.14 2.12
H141 H3T C . 2.71 2.12 3.21
H151 H3T C . 4.47 2.14 4.93
H152 H3T C . 5.54 1.19 3.91
H161 H3T C . 4.43 -0.79 4.35
H162 H3T C . 2.84 -0.07 4.30
H171 H3T C . 3.34 0.95 6.65
H172 H3T C . 4.78 -0.06 6.69
H182 H3T C . 2.38 -1.67 5.98
H181 H3T C . 2.12 -0.80 7.47
H192 H3T C . 4.72 -2.39 7.12
H191 H3T C . 3.94 -1.91 8.61
H201 H3T C . 2.83 -4.06 6.68
H202 H3T C . 2.05 -3.56 8.15
H203 H3T C . 3.60 -4.35 8.24
H212 H3T C . 3.27 11.57 -8.51
H211 H3T C . 2.28 10.14 -8.32
H272 H3T C . 4.67 12.16 -9.92
H271 H3T C . 3.55 12.19 -11.28
H281 H3T C . 5.04 14.79 -11.00
H301 H3T C . 4.86 12.79 -13.40
H302 H3T C . 3.73 14.12 -13.12
H351 H3T C . -0.10 11.88 -4.85
H352 H3T C . -0.39 13.51 -4.32
H361 H3T C . 1.09 12.92 -2.20
H362 H3T C . 1.00 11.25 -2.71
H371 H3T C . -1.73 12.09 -2.69
H372 H3T C . -1.03 12.95 -1.33
H382 H3T C . -0.01 10.36 -0.90
H381 H3T C . -1.52 9.98 -1.67
H392 H3T C . -1.94 12.04 0.44
H391 H3T C . -1.05 10.67 1.08
H401 H3T C . -3.06 9.26 -0.24
H402 H3T C . -3.93 10.76 0.06
H412 H3T C . -4.28 9.04 1.88
H411 H3T C . -3.61 10.54 2.51
H421 H3T C . -1.43 9.52 2.93
H431 H3T C . -0.78 7.30 1.86
H432 H3T C . -2.36 7.16 1.09
H441 H3T C . -1.83 7.34 4.17
H451 H3T C . -4.41 7.43 4.28
H452 H3T C . -4.47 7.14 2.55
H461 H3T C . -3.70 4.87 2.76
H462 H3T C . -2.95 5.17 4.31
H471 H3T C . -5.21 5.27 5.42
H472 H3T C . -6.00 5.04 3.87
H481 H3T C . -4.46 2.82 3.72
H482 H3T C . -4.27 3.03 5.45
H492 H3T C . -6.50 1.84 4.00
H491 H3T C . -7.13 3.22 4.86
H501 H3T C . -5.58 0.87 6.14
H502 H3T C . -7.28 1.23 6.31
H503 H3T C . -6.11 2.29 7.03
H291 H3T C . 6.98 13.66 -11.82
H311 H3T C . 5.46 14.77 -14.46
C1 GOL D . 3.06 -10.90 9.60
O1 GOL D . 4.20 -11.47 9.01
C2 GOL D . 2.81 -9.55 8.88
O2 GOL D . 3.59 -8.53 9.40
C3 GOL D . 1.30 -9.28 9.05
O3 GOL D . 1.05 -8.04 8.47
H11 GOL D . 2.28 -11.46 9.52
H12 GOL D . 3.20 -10.74 10.55
H2 GOL D . 3.05 -9.62 7.95
HO2 GOL D . 3.29 -7.80 9.11
H31 GOL D . 1.07 -9.33 9.99
H32 GOL D . 0.79 -10.00 8.63
C1 GOL E . 8.48 -3.96 12.00
O1 GOL E . 9.26 -4.89 12.67
C2 GOL E . 8.22 -4.53 10.57
O2 GOL E . 7.98 -3.52 9.64
C3 GOL E . 6.99 -5.47 10.69
O3 GOL E . 7.50 -6.74 10.98
H11 GOL E . 8.90 -3.09 11.91
H12 GOL E . 7.63 -3.81 12.44
H2 GOL E . 8.99 -5.01 10.25
HO2 GOL E . 7.67 -2.85 10.05
H31 GOL E . 6.39 -5.14 11.37
H32 GOL E . 6.48 -5.47 9.87
S SO4 F . 8.61 -23.75 -17.65
O1 SO4 F . 7.83 -23.01 -18.65
O2 SO4 F . 9.31 -24.86 -18.29
O3 SO4 F . 9.60 -22.85 -17.04
O4 SO4 F . 7.71 -24.26 -16.62
S SO4 G . -8.42 -7.84 -4.82
O1 SO4 G . -8.89 -8.70 -5.91
O2 SO4 G . -6.97 -7.90 -4.76
O3 SO4 G . -8.86 -6.46 -5.07
O4 SO4 G . -8.99 -8.29 -3.56
S SO4 H . -2.48 -20.74 1.28
O1 SO4 H . -1.71 -21.85 0.72
O2 SO4 H . -3.91 -21.04 1.19
O3 SO4 H . -2.20 -19.52 0.53
O4 SO4 H . -2.12 -20.54 2.68
#